data_8RGI
#
_entry.id   8RGI
#
_cell.length_a   78.149
_cell.length_b   78.149
_cell.length_c   112.560
_cell.angle_alpha   90.00
_cell.angle_beta   90.00
_cell.angle_gamma   90.00
#
_symmetry.space_group_name_H-M   'P 41 21 2'
#
loop_
_entity.id
_entity.type
_entity.pdbx_description
1 polymer 'Dynein light chain Tctex-type 1'
2 polymer 'Dynein light chain Tctex-type protein 2B'
#
loop_
_entity_poly.entity_id
_entity_poly.type
_entity_poly.pdbx_seq_one_letter_code
_entity_poly.pdbx_strand_id
1 'polypeptide(L)'
;SEDYQAAEETAFVVDEVSNIVKEAIESAIGGNAYQHSKVNQWTTNVVEQTLSQLTKLGKPFKYIVTCVIMQKNGAGLHTA
SSCFWDSSTDGSCTVRWENKTMYCIVSAFGLSI
;
A
2 'polypeptide(L)'
;SATSIGVSFSVGDGVPEAEKNAGEPENTYILRPVFQQRFRPSVVKDCIHAVLKEELANAEYSPEEMPQLTKHLSENIKDK
LKEMGFDRYKMVVQVVIGEQRGEGVFMASRCFWDADTDNYTHDVFMNDSLFCVVAAFGCFYY
;
B
#
# COMPACT_ATOMS: atom_id res chain seq x y z
N THR A 10 8.91 -5.98 -21.31
CA THR A 10 8.28 -4.83 -21.95
C THR A 10 7.81 -3.82 -20.89
N ALA A 11 6.58 -3.32 -21.01
CA ALA A 11 6.15 -2.16 -20.24
C ALA A 11 5.00 -2.50 -19.30
N PHE A 12 4.80 -1.61 -18.33
CA PHE A 12 3.71 -1.71 -17.38
C PHE A 12 2.45 -1.14 -18.02
N VAL A 13 1.53 -2.00 -18.42
CA VAL A 13 0.32 -1.60 -19.12
C VAL A 13 -0.80 -1.52 -18.09
N VAL A 14 -1.31 -0.31 -17.88
CA VAL A 14 -2.22 -0.06 -16.77
C VAL A 14 -3.54 -0.80 -16.97
N ASP A 15 -4.12 -0.68 -18.17
CA ASP A 15 -5.39 -1.35 -18.42
C ASP A 15 -5.24 -2.87 -18.35
N GLU A 16 -4.05 -3.38 -18.67
CA GLU A 16 -3.79 -4.80 -18.48
C GLU A 16 -3.81 -5.15 -17.01
N VAL A 17 -3.16 -4.34 -16.17
CA VAL A 17 -3.17 -4.58 -14.74
C VAL A 17 -4.55 -4.33 -14.17
N SER A 18 -5.25 -3.31 -14.68
CA SER A 18 -6.54 -2.95 -14.13
C SER A 18 -7.54 -4.08 -14.26
N ASN A 19 -7.56 -4.76 -15.41
CA ASN A 19 -8.47 -5.88 -15.58
C ASN A 19 -8.09 -7.05 -14.69
N ILE A 20 -6.79 -7.26 -14.47
CA ILE A 20 -6.35 -8.30 -13.54
C ILE A 20 -6.89 -8.00 -12.15
N VAL A 21 -6.78 -6.75 -11.72
CA VAL A 21 -7.22 -6.38 -10.38
C VAL A 21 -8.73 -6.58 -10.24
N LYS A 22 -9.50 -6.13 -11.24
CA LYS A 22 -10.95 -6.22 -11.14
C LYS A 22 -11.41 -7.66 -11.02
N GLU A 23 -10.83 -8.56 -11.82
CA GLU A 23 -11.22 -9.95 -11.75
C GLU A 23 -10.79 -10.59 -10.43
N ALA A 24 -9.63 -10.19 -9.91
CA ALA A 24 -9.17 -10.72 -8.63
C ALA A 24 -10.11 -10.29 -7.50
N ILE A 25 -10.56 -9.04 -7.53
CA ILE A 25 -11.52 -8.59 -6.52
C ILE A 25 -12.83 -9.38 -6.66
N GLU A 26 -13.28 -9.58 -7.88
CA GLU A 26 -14.52 -10.33 -8.10
C GLU A 26 -14.38 -11.77 -7.64
N SER A 27 -13.24 -12.40 -7.94
CA SER A 27 -13.06 -13.80 -7.53
C SER A 27 -13.08 -13.96 -6.02
N ALA A 28 -12.58 -12.97 -5.29
CA ALA A 28 -12.36 -13.11 -3.86
C ALA A 28 -13.59 -12.70 -3.04
N ILE A 29 -14.21 -11.58 -3.37
CA ILE A 29 -15.32 -11.06 -2.60
C ILE A 29 -16.56 -10.79 -3.44
N GLY A 30 -16.52 -11.06 -4.74
CA GLY A 30 -17.67 -10.81 -5.57
C GLY A 30 -18.89 -11.60 -5.15
N GLY A 31 -20.00 -10.91 -4.93
CA GLY A 31 -21.22 -11.58 -4.52
C GLY A 31 -21.29 -11.92 -3.06
N ASN A 32 -20.41 -11.38 -2.23
CA ASN A 32 -20.42 -11.62 -0.80
C ASN A 32 -20.71 -10.32 -0.06
N ALA A 33 -21.60 -10.39 0.92
CA ALA A 33 -21.77 -9.28 1.83
C ALA A 33 -20.67 -9.31 2.88
N TYR A 34 -20.47 -8.17 3.53
CA TYR A 34 -19.38 -8.05 4.49
C TYR A 34 -19.59 -9.02 5.65
N GLN A 35 -18.54 -9.79 5.95
CA GLN A 35 -18.51 -10.65 7.12
C GLN A 35 -17.27 -10.31 7.93
N HIS A 36 -17.46 -9.94 9.19
CA HIS A 36 -16.32 -9.67 10.05
C HIS A 36 -15.40 -10.88 10.14
N SER A 37 -15.96 -12.08 10.08
CA SER A 37 -15.20 -13.30 10.30
C SER A 37 -14.28 -13.64 9.13
N LYS A 38 -14.37 -12.93 8.02
CA LYS A 38 -13.58 -13.27 6.85
C LYS A 38 -12.79 -12.11 6.25
N VAL A 39 -12.86 -10.91 6.83
CA VAL A 39 -12.34 -9.74 6.17
C VAL A 39 -10.82 -9.82 6.00
N ASN A 40 -10.10 -10.27 7.03
CA ASN A 40 -8.67 -10.41 6.90
C ASN A 40 -8.31 -11.51 5.90
N GLN A 41 -9.09 -12.58 5.88
CA GLN A 41 -8.88 -13.61 4.87
C GLN A 41 -9.15 -13.06 3.47
N TRP A 42 -10.10 -12.14 3.34
CA TRP A 42 -10.43 -11.59 2.03
C TRP A 42 -9.31 -10.71 1.49
N THR A 43 -8.77 -9.82 2.32
CA THR A 43 -7.68 -8.95 1.85
C THR A 43 -6.49 -9.77 1.41
N THR A 44 -6.15 -10.80 2.17
CA THR A 44 -5.06 -11.69 1.78
C THR A 44 -5.36 -12.40 0.46
N ASN A 45 -6.60 -12.86 0.27
CA ASN A 45 -6.94 -13.54 -0.96
C ASN A 45 -6.82 -12.62 -2.16
N VAL A 46 -7.20 -11.36 -2.01
CA VAL A 46 -7.14 -10.41 -3.13
C VAL A 46 -5.70 -10.19 -3.57
N VAL A 47 -4.81 -9.91 -2.62
CA VAL A 47 -3.44 -9.64 -3.00
C VAL A 47 -2.75 -10.91 -3.49
N GLU A 48 -3.14 -12.07 -2.96
CA GLU A 48 -2.57 -13.32 -3.43
C GLU A 48 -2.92 -13.57 -4.90
N GLN A 49 -4.19 -13.44 -5.24
CA GLN A 49 -4.60 -13.65 -6.63
C GLN A 49 -4.01 -12.58 -7.55
N THR A 50 -4.06 -11.32 -7.12
CA THR A 50 -3.58 -10.24 -7.98
C THR A 50 -2.11 -10.41 -8.29
N LEU A 51 -1.29 -10.70 -7.28
CA LEU A 51 0.13 -10.86 -7.51
C LEU A 51 0.41 -12.06 -8.40
N SER A 52 -0.30 -13.16 -8.18
CA SER A 52 -0.06 -14.36 -8.98
C SER A 52 -0.34 -14.09 -10.45
N GLN A 53 -1.45 -13.41 -10.74
CA GLN A 53 -1.77 -13.09 -12.12
C GLN A 53 -0.80 -12.07 -12.70
N LEU A 54 -0.21 -11.21 -11.86
CA LEU A 54 0.79 -10.27 -12.36
C LEU A 54 2.09 -10.97 -12.71
N THR A 55 2.56 -11.84 -11.83
CA THR A 55 3.81 -12.56 -12.09
C THR A 55 3.72 -13.43 -13.33
N LYS A 56 2.52 -13.85 -13.71
CA LYS A 56 2.35 -14.69 -14.88
C LYS A 56 2.54 -13.93 -16.18
N LEU A 57 2.58 -12.60 -16.14
CA LEU A 57 2.83 -11.83 -17.36
C LEU A 57 4.27 -11.94 -17.83
N GLY A 58 5.18 -12.42 -17.00
CA GLY A 58 6.56 -12.61 -17.39
C GLY A 58 7.37 -11.35 -17.53
N LYS A 59 6.79 -10.19 -17.26
CA LYS A 59 7.50 -8.94 -17.44
C LYS A 59 8.54 -8.76 -16.33
N PRO A 60 9.61 -8.05 -16.60
CA PRO A 60 10.69 -7.85 -15.60
C PRO A 60 10.37 -6.75 -14.59
N PHE A 61 9.48 -7.07 -13.66
CA PHE A 61 9.08 -6.14 -12.62
C PHE A 61 9.11 -6.84 -11.26
N LYS A 62 9.43 -6.07 -10.24
CA LYS A 62 9.11 -6.45 -8.87
C LYS A 62 7.86 -5.68 -8.46
N TYR A 63 6.88 -6.40 -7.93
CA TYR A 63 5.54 -5.87 -7.72
C TYR A 63 5.25 -5.65 -6.25
N ILE A 64 4.45 -4.63 -5.97
CA ILE A 64 3.86 -4.38 -4.67
C ILE A 64 2.36 -4.28 -4.86
N VAL A 65 1.60 -5.08 -4.12
CA VAL A 65 0.15 -5.10 -4.23
C VAL A 65 -0.45 -4.96 -2.84
N THR A 66 -1.35 -4.01 -2.68
CA THR A 66 -2.06 -3.80 -1.42
C THR A 66 -3.55 -3.85 -1.66
N CYS A 67 -4.28 -4.42 -0.71
CA CYS A 67 -5.73 -4.43 -0.73
C CYS A 67 -6.24 -3.88 0.59
N VAL A 68 -7.20 -2.96 0.50
CA VAL A 68 -7.80 -2.32 1.65
C VAL A 68 -9.30 -2.60 1.59
N ILE A 69 -9.87 -3.06 2.70
CA ILE A 69 -11.29 -3.33 2.80
C ILE A 69 -11.85 -2.62 4.02
N MET A 70 -13.00 -1.97 3.85
CA MET A 70 -13.70 -1.31 4.93
C MET A 70 -15.19 -1.63 4.84
N GLN A 71 -15.79 -1.95 5.98
CA GLN A 71 -17.23 -2.10 6.05
C GLN A 71 -17.90 -0.74 5.92
N LYS A 72 -19.03 -0.71 5.22
CA LYS A 72 -19.74 0.55 4.99
C LYS A 72 -20.62 0.86 6.19
N ASN A 73 -20.40 2.04 6.78
CA ASN A 73 -21.17 2.53 7.91
C ASN A 73 -21.71 3.93 7.66
N GLY A 74 -21.59 4.44 6.44
CA GLY A 74 -21.71 5.85 6.17
C GLY A 74 -20.40 6.60 6.24
N ALA A 75 -19.38 6.00 6.84
CA ALA A 75 -18.07 6.62 6.91
C ALA A 75 -17.28 6.34 5.64
N GLY A 76 -16.45 7.31 5.27
CA GLY A 76 -15.69 7.21 4.03
C GLY A 76 -14.32 6.61 4.20
N LEU A 77 -13.74 6.21 3.06
CA LEU A 77 -12.42 5.61 3.00
C LEU A 77 -11.59 6.35 1.97
N HIS A 78 -10.37 6.72 2.35
CA HIS A 78 -9.54 7.59 1.53
C HIS A 78 -8.14 7.03 1.43
N THR A 79 -7.55 7.09 0.24
CA THR A 79 -6.21 6.58 0.04
C THR A 79 -5.48 7.44 -0.97
N ALA A 80 -4.16 7.38 -0.88
CA ALA A 80 -3.28 8.01 -1.86
C ALA A 80 -1.92 7.34 -1.76
N SER A 81 -1.14 7.48 -2.84
CA SER A 81 0.20 6.94 -2.87
C SER A 81 1.15 7.94 -3.52
N SER A 82 2.35 8.03 -2.99
CA SER A 82 3.42 8.80 -3.60
C SER A 82 4.64 7.92 -3.70
N CYS A 83 5.36 8.03 -4.82
CA CYS A 83 6.47 7.15 -5.09
C CYS A 83 7.71 7.96 -5.41
N PHE A 84 8.86 7.31 -5.24
CA PHE A 84 10.15 7.84 -5.65
C PHE A 84 10.77 6.75 -6.51
N TRP A 85 10.49 6.79 -7.81
CA TRP A 85 11.04 5.80 -8.71
C TRP A 85 11.23 6.43 -10.09
N ASP A 86 11.46 5.59 -11.09
CA ASP A 86 11.67 6.02 -12.46
C ASP A 86 10.33 6.01 -13.18
N SER A 87 9.75 7.19 -13.39
CA SER A 87 8.45 7.29 -14.03
C SER A 87 8.48 6.82 -15.48
N SER A 88 9.64 6.81 -16.12
CA SER A 88 9.71 6.34 -17.50
C SER A 88 9.56 4.84 -17.59
N THR A 89 9.89 4.11 -16.53
CA THR A 89 9.81 2.65 -16.53
C THR A 89 8.81 2.08 -15.54
N ASP A 90 8.57 2.76 -14.44
CA ASP A 90 7.72 2.25 -13.37
C ASP A 90 6.33 2.85 -13.46
N GLY A 91 5.36 2.14 -12.88
CA GLY A 91 3.99 2.58 -12.95
C GLY A 91 3.17 1.98 -11.82
N SER A 92 1.92 2.42 -11.76
CA SER A 92 1.01 1.98 -10.72
C SER A 92 -0.40 1.90 -11.29
N CYS A 93 -1.21 1.04 -10.68
CA CYS A 93 -2.63 0.96 -11.01
C CYS A 93 -3.41 0.85 -9.70
N THR A 94 -4.49 1.60 -9.60
CA THR A 94 -5.34 1.57 -8.42
C THR A 94 -6.78 1.41 -8.87
N VAL A 95 -7.48 0.48 -8.23
CA VAL A 95 -8.89 0.23 -8.51
C VAL A 95 -9.67 0.40 -7.23
N ARG A 96 -10.72 1.20 -7.27
CA ARG A 96 -11.64 1.37 -6.16
C ARG A 96 -12.92 0.62 -6.48
N TRP A 97 -13.18 -0.43 -5.72
CA TRP A 97 -14.31 -1.32 -5.92
C TRP A 97 -15.28 -1.14 -4.75
N GLU A 98 -16.57 -1.31 -5.01
CA GLU A 98 -17.55 -0.98 -4.01
C GLU A 98 -18.83 -1.76 -4.26
N ASN A 99 -19.40 -2.30 -3.17
CA ASN A 99 -20.70 -2.95 -3.25
C ASN A 99 -21.58 -2.40 -2.12
N LYS A 100 -22.72 -3.05 -1.90
CA LYS A 100 -23.70 -2.50 -0.97
C LYS A 100 -23.20 -2.47 0.46
N THR A 101 -22.19 -3.27 0.80
CA THR A 101 -21.75 -3.37 2.19
C THR A 101 -20.29 -3.04 2.46
N MET A 102 -19.44 -2.95 1.44
CA MET A 102 -18.04 -2.69 1.77
C MET A 102 -17.32 -2.02 0.61
N TYR A 103 -16.26 -1.30 0.96
CA TYR A 103 -15.30 -0.76 0.00
C TYR A 103 -14.12 -1.72 -0.12
N CYS A 104 -13.52 -1.77 -1.31
CA CYS A 104 -12.28 -2.50 -1.52
C CYS A 104 -11.41 -1.71 -2.48
N ILE A 105 -10.20 -1.36 -2.04
CA ILE A 105 -9.28 -0.58 -2.85
C ILE A 105 -7.99 -1.39 -3.01
N VAL A 106 -7.59 -1.60 -4.25
CA VAL A 106 -6.40 -2.38 -4.57
C VAL A 106 -5.44 -1.50 -5.34
N SER A 107 -4.20 -1.46 -4.90
CA SER A 107 -3.14 -0.71 -5.56
C SER A 107 -2.01 -1.66 -5.93
N ALA A 108 -1.58 -1.62 -7.18
CA ALA A 108 -0.50 -2.46 -7.67
C ALA A 108 0.58 -1.57 -8.25
N PHE A 109 1.81 -1.80 -7.81
CA PHE A 109 2.94 -0.98 -8.22
C PHE A 109 3.95 -1.85 -8.95
N GLY A 110 4.38 -1.40 -10.12
CA GLY A 110 5.38 -2.12 -10.87
C GLY A 110 6.69 -1.35 -10.91
N LEU A 111 7.74 -1.96 -10.39
CA LEU A 111 9.05 -1.33 -10.32
C LEU A 111 10.01 -2.12 -11.19
N SER A 112 10.47 -1.51 -12.27
CA SER A 112 11.33 -2.22 -13.20
C SER A 112 12.70 -2.47 -12.57
N ILE A 113 13.38 -3.47 -13.10
CA ILE A 113 14.67 -3.88 -12.56
C ILE A 113 15.75 -3.79 -13.62
N ALA B 2 -15.53 2.69 18.71
CA ALA B 2 -14.59 1.59 18.53
C ALA B 2 -13.97 1.62 17.14
N THR B 3 -12.79 1.01 17.01
CA THR B 3 -12.04 1.05 15.77
C THR B 3 -11.12 -0.16 15.71
N SER B 4 -11.32 -1.03 14.74
CA SER B 4 -10.52 -2.24 14.56
C SER B 4 -9.64 -2.11 13.33
N ILE B 5 -8.34 -2.37 13.50
CA ILE B 5 -7.38 -2.24 12.41
C ILE B 5 -6.56 -3.51 12.31
N GLY B 6 -6.61 -4.15 11.15
CA GLY B 6 -5.85 -5.35 10.89
C GLY B 6 -5.00 -5.27 9.64
N VAL B 7 -3.68 -5.31 9.80
CA VAL B 7 -2.75 -5.14 8.71
C VAL B 7 -1.81 -6.34 8.67
N SER B 8 -1.61 -6.90 7.48
CA SER B 8 -0.75 -8.06 7.31
C SER B 8 0.15 -7.85 6.12
N PHE B 9 1.19 -8.68 6.05
CA PHE B 9 2.20 -8.58 5.01
C PHE B 9 2.69 -9.98 4.67
N SER B 10 2.97 -10.21 3.38
CA SER B 10 3.50 -11.48 2.92
C SER B 10 4.32 -11.26 1.67
N VAL B 11 5.18 -12.22 1.35
CA VAL B 11 6.09 -12.13 0.21
C VAL B 11 5.95 -13.39 -0.64
N GLY B 12 5.92 -13.21 -1.95
CA GLY B 12 5.97 -14.33 -2.85
C GLY B 12 7.34 -14.98 -2.89
N ASP B 13 7.36 -16.23 -3.32
CA ASP B 13 8.62 -16.96 -3.38
C ASP B 13 9.47 -16.50 -4.55
N GLY B 14 10.78 -16.62 -4.37
CA GLY B 14 11.71 -16.32 -5.42
C GLY B 14 11.96 -14.84 -5.58
N VAL B 15 12.90 -14.53 -6.47
CA VAL B 15 13.27 -13.15 -6.77
C VAL B 15 13.08 -12.92 -8.27
N PRO B 16 12.42 -11.84 -8.67
CA PRO B 16 12.26 -11.57 -10.10
C PRO B 16 13.61 -11.38 -10.78
N GLU B 17 13.68 -11.81 -12.03
CA GLU B 17 14.94 -11.78 -12.78
C GLU B 17 14.81 -10.93 -14.03
N THR B 28 28.45 -14.14 -14.56
CA THR B 28 27.37 -13.24 -14.19
C THR B 28 27.52 -12.81 -12.72
N TYR B 29 26.98 -11.64 -12.39
CA TYR B 29 27.18 -11.03 -11.09
C TYR B 29 25.88 -10.41 -10.60
N ILE B 30 25.86 -10.05 -9.33
CA ILE B 30 24.77 -9.30 -8.73
C ILE B 30 25.34 -8.15 -7.92
N LEU B 31 24.54 -7.11 -7.74
CA LEU B 31 24.85 -6.03 -6.84
C LEU B 31 24.00 -6.15 -5.59
N ARG B 32 24.61 -5.82 -4.45
CA ARG B 32 23.95 -5.92 -3.16
C ARG B 32 24.13 -4.61 -2.42
N PRO B 33 23.14 -4.19 -1.64
CA PRO B 33 23.22 -2.90 -0.98
C PRO B 33 24.21 -2.92 0.17
N VAL B 34 24.90 -1.80 0.34
CA VAL B 34 25.78 -1.65 1.48
C VAL B 34 24.95 -1.39 2.72
N PHE B 35 25.33 -2.03 3.83
CA PHE B 35 24.51 -2.04 5.03
C PHE B 35 24.10 -0.64 5.46
N GLN B 36 25.06 0.27 5.53
CA GLN B 36 24.80 1.59 6.09
C GLN B 36 23.83 2.41 5.25
N GLN B 37 23.56 2.02 4.01
CA GLN B 37 22.63 2.73 3.16
C GLN B 37 21.34 1.97 2.92
N ARG B 38 21.08 0.91 3.68
CA ARG B 38 19.89 0.10 3.45
C ARG B 38 18.64 0.82 3.96
N PHE B 39 17.51 0.40 3.42
CA PHE B 39 16.20 0.86 3.87
C PHE B 39 15.95 0.32 5.26
N ARG B 40 15.95 1.19 6.26
CA ARG B 40 15.85 0.80 7.65
C ARG B 40 14.42 0.96 8.14
N PRO B 41 13.68 -0.12 8.38
CA PRO B 41 12.30 0.05 8.87
C PRO B 41 12.19 0.84 10.15
N SER B 42 13.11 0.65 11.09
CA SER B 42 13.02 1.36 12.36
C SER B 42 13.18 2.87 12.16
N VAL B 43 14.07 3.27 11.25
CA VAL B 43 14.24 4.69 10.95
C VAL B 43 13.03 5.22 10.20
N VAL B 44 12.51 4.46 9.25
CA VAL B 44 11.37 4.91 8.46
C VAL B 44 10.15 5.11 9.37
N LYS B 45 9.94 4.20 10.31
CA LYS B 45 8.84 4.36 11.26
C LYS B 45 8.93 5.67 12.01
N ASP B 46 10.13 5.99 12.52
CA ASP B 46 10.28 7.21 13.30
C ASP B 46 10.07 8.46 12.45
N CYS B 47 10.48 8.43 11.19
CA CYS B 47 10.15 9.54 10.29
C CYS B 47 8.65 9.65 10.10
N ILE B 48 7.98 8.51 9.87
CA ILE B 48 6.56 8.53 9.56
C ILE B 48 5.77 9.07 10.73
N HIS B 49 6.06 8.57 11.94
CA HIS B 49 5.31 9.01 13.10
C HIS B 49 5.54 10.49 13.41
N ALA B 50 6.75 10.98 13.15
CA ALA B 50 7.00 12.41 13.29
C ALA B 50 6.14 13.22 12.34
N VAL B 51 6.03 12.76 11.09
CA VAL B 51 5.19 13.46 10.12
C VAL B 51 3.74 13.40 10.56
N LEU B 52 3.27 12.23 10.96
CA LEU B 52 1.88 12.09 11.36
C LEU B 52 1.57 12.94 12.59
N LYS B 53 2.49 12.95 13.56
CA LYS B 53 2.24 13.72 14.77
C LYS B 53 2.14 15.20 14.46
N GLU B 54 3.04 15.72 13.62
CA GLU B 54 3.05 17.15 13.35
C GLU B 54 1.84 17.57 12.51
N GLU B 55 1.51 16.77 11.49
CA GLU B 55 0.48 17.20 10.56
C GLU B 55 -0.93 16.93 11.06
N LEU B 56 -1.11 15.98 11.96
CA LEU B 56 -2.44 15.49 12.30
C LEU B 56 -2.83 15.67 13.76
N ALA B 57 -1.95 16.25 14.58
CA ALA B 57 -1.81 15.91 16.00
C ALA B 57 -3.19 15.67 16.61
N ASN B 58 -4.05 16.67 16.75
CA ASN B 58 -5.44 16.45 17.11
C ASN B 58 -6.35 17.43 16.37
N ALA B 59 -5.83 18.07 15.33
CA ALA B 59 -6.60 19.03 14.57
C ALA B 59 -7.86 18.39 14.02
N GLU B 60 -8.96 19.14 14.06
CA GLU B 60 -10.20 18.62 13.53
C GLU B 60 -10.15 18.60 12.01
N TYR B 61 -10.53 17.48 11.42
CA TYR B 61 -10.60 17.34 9.98
C TYR B 61 -12.00 16.88 9.62
N SER B 62 -12.64 17.60 8.71
CA SER B 62 -13.91 17.16 8.19
C SER B 62 -13.69 16.05 7.18
N PRO B 63 -14.70 15.23 6.93
CA PRO B 63 -14.56 14.19 5.90
C PRO B 63 -14.15 14.73 4.55
N GLU B 64 -14.62 15.92 4.17
CA GLU B 64 -14.29 16.46 2.86
C GLU B 64 -12.84 16.89 2.77
N GLU B 65 -12.15 17.05 3.89
CA GLU B 65 -10.74 17.40 3.87
C GLU B 65 -9.83 16.19 3.71
N MET B 66 -10.34 15.00 3.91
CA MET B 66 -9.50 13.81 4.01
C MET B 66 -8.93 13.34 2.67
N PRO B 67 -9.68 13.38 1.56
CA PRO B 67 -9.10 12.92 0.28
C PRO B 67 -7.81 13.61 -0.10
N GLN B 68 -7.72 14.94 0.07
CA GLN B 68 -6.47 15.61 -0.22
C GLN B 68 -5.46 15.40 0.89
N LEU B 69 -5.94 15.19 2.12
CA LEU B 69 -5.05 15.00 3.24
C LEU B 69 -4.16 13.77 3.04
N THR B 70 -4.71 12.71 2.45
CA THR B 70 -3.92 11.50 2.23
C THR B 70 -2.76 11.77 1.29
N LYS B 71 -3.01 12.50 0.19
CA LYS B 71 -1.94 12.81 -0.75
C LYS B 71 -0.90 13.71 -0.11
N HIS B 72 -1.35 14.65 0.73
CA HIS B 72 -0.42 15.53 1.43
C HIS B 72 0.52 14.72 2.31
N LEU B 73 -0.02 13.77 3.07
CA LEU B 73 0.81 12.95 3.94
C LEU B 73 1.73 12.05 3.13
N SER B 74 1.21 11.42 2.08
CA SER B 74 2.04 10.53 1.28
C SER B 74 3.19 11.29 0.64
N GLU B 75 2.91 12.47 0.09
CA GLU B 75 3.98 13.25 -0.53
C GLU B 75 4.98 13.72 0.52
N ASN B 76 4.51 14.20 1.67
CA ASN B 76 5.42 14.66 2.71
C ASN B 76 6.29 13.51 3.21
N ILE B 77 5.68 12.35 3.46
CA ILE B 77 6.45 11.21 3.93
C ILE B 77 7.47 10.79 2.89
N LYS B 78 7.05 10.77 1.63
CA LYS B 78 7.97 10.40 0.56
C LYS B 78 9.15 11.36 0.50
N ASP B 79 8.88 12.66 0.61
CA ASP B 79 9.96 13.64 0.55
C ASP B 79 10.90 13.53 1.74
N LYS B 80 10.36 13.24 2.92
CA LYS B 80 11.23 13.04 4.08
C LYS B 80 12.14 11.84 3.87
N LEU B 81 11.61 10.75 3.33
CA LEU B 81 12.41 9.55 3.14
C LEU B 81 13.51 9.74 2.11
N LYS B 82 13.33 10.68 1.18
CA LYS B 82 14.34 10.91 0.16
C LYS B 82 15.63 11.48 0.75
N GLU B 83 15.58 12.06 1.94
CA GLU B 83 16.74 12.67 2.55
C GLU B 83 17.33 11.83 3.68
N MET B 84 17.06 10.52 3.68
CA MET B 84 17.55 9.62 4.71
C MET B 84 18.80 8.86 4.28
N GLY B 85 19.33 9.13 3.09
CA GLY B 85 20.53 8.45 2.65
C GLY B 85 20.32 7.06 2.12
N PHE B 86 19.08 6.69 1.79
CA PHE B 86 18.78 5.36 1.28
C PHE B 86 19.13 5.32 -0.20
N ASP B 87 20.41 5.14 -0.47
CA ASP B 87 20.89 5.14 -1.85
C ASP B 87 20.44 3.89 -2.58
N ARG B 88 20.06 4.08 -3.84
CA ARG B 88 19.69 2.98 -4.74
C ARG B 88 18.47 2.22 -4.24
N TYR B 89 17.49 2.96 -3.74
CA TYR B 89 16.21 2.39 -3.32
C TYR B 89 15.08 3.20 -3.94
N LYS B 90 14.20 2.51 -4.67
CA LYS B 90 12.92 3.07 -5.04
C LYS B 90 11.94 2.87 -3.89
N MET B 91 11.13 3.88 -3.61
CA MET B 91 10.28 3.86 -2.44
C MET B 91 8.84 4.15 -2.81
N VAL B 92 7.93 3.41 -2.17
CA VAL B 92 6.51 3.58 -2.35
C VAL B 92 5.89 3.85 -0.99
N VAL B 93 5.08 4.90 -0.89
CA VAL B 93 4.40 5.25 0.35
C VAL B 93 2.90 5.32 0.05
N GLN B 94 2.13 4.50 0.75
CA GLN B 94 0.68 4.50 0.62
C GLN B 94 0.07 4.94 1.94
N VAL B 95 -0.92 5.83 1.87
CA VAL B 95 -1.58 6.38 3.04
C VAL B 95 -3.07 6.07 2.94
N VAL B 96 -3.62 5.53 4.03
CA VAL B 96 -5.03 5.17 4.11
C VAL B 96 -5.63 5.91 5.29
N ILE B 97 -6.76 6.55 5.08
CA ILE B 97 -7.44 7.32 6.13
C ILE B 97 -8.91 6.95 6.13
N GLY B 98 -9.44 6.70 7.32
CA GLY B 98 -10.86 6.48 7.48
C GLY B 98 -11.43 7.41 8.54
N GLU B 99 -12.71 7.72 8.39
CA GLU B 99 -13.39 8.59 9.33
C GLU B 99 -13.65 7.85 10.63
N GLN B 100 -13.51 8.58 11.75
CA GLN B 100 -13.57 7.95 13.06
C GLN B 100 -14.89 7.25 13.32
N ARG B 101 -15.96 7.66 12.64
CA ARG B 101 -17.26 7.00 12.84
C ARG B 101 -17.24 5.56 12.35
N GLY B 102 -16.27 5.20 11.51
CA GLY B 102 -16.25 3.87 10.95
C GLY B 102 -15.80 2.82 11.94
N GLU B 103 -16.09 1.57 11.60
CA GLU B 103 -15.74 0.45 12.45
C GLU B 103 -14.26 0.10 12.40
N GLY B 104 -13.57 0.53 11.37
CA GLY B 104 -12.15 0.26 11.23
C GLY B 104 -11.81 -0.04 9.79
N VAL B 105 -10.63 -0.62 9.59
CA VAL B 105 -10.11 -0.85 8.26
C VAL B 105 -9.15 -2.03 8.30
N PHE B 106 -9.09 -2.76 7.20
CA PHE B 106 -8.24 -3.94 7.11
C PHE B 106 -7.46 -3.91 5.82
N MET B 107 -6.22 -4.35 5.87
CA MET B 107 -5.28 -4.15 4.78
C MET B 107 -4.32 -5.31 4.70
N ALA B 108 -4.02 -5.74 3.48
CA ALA B 108 -3.01 -6.74 3.22
C ALA B 108 -2.05 -6.24 2.15
N SER B 109 -0.78 -6.48 2.37
CA SER B 109 0.26 -6.16 1.40
C SER B 109 1.01 -7.43 1.04
N ARG B 110 1.29 -7.59 -0.25
CA ARG B 110 2.05 -8.74 -0.74
C ARG B 110 2.99 -8.26 -1.83
N CYS B 111 4.24 -8.67 -1.75
CA CYS B 111 5.28 -8.22 -2.65
C CYS B 111 5.96 -9.39 -3.33
N PHE B 112 6.34 -9.20 -4.58
CA PHE B 112 7.23 -10.11 -5.28
C PHE B 112 8.50 -9.32 -5.54
N TRP B 113 9.48 -9.49 -4.67
CA TRP B 113 10.69 -8.68 -4.73
C TRP B 113 11.84 -9.50 -4.17
N ASP B 114 12.92 -8.83 -3.80
CA ASP B 114 14.09 -9.48 -3.21
C ASP B 114 13.99 -9.34 -1.70
N ALA B 115 13.63 -10.43 -1.02
CA ALA B 115 13.45 -10.42 0.42
C ALA B 115 14.74 -10.15 1.18
N ASP B 116 15.89 -10.28 0.55
CA ASP B 116 17.16 -10.02 1.21
C ASP B 116 17.58 -8.57 1.17
N THR B 117 16.94 -7.75 0.34
CA THR B 117 17.32 -6.35 0.19
C THR B 117 16.19 -5.39 0.44
N ASP B 118 14.96 -5.80 0.23
CA ASP B 118 13.81 -4.90 0.29
C ASP B 118 13.05 -5.09 1.60
N ASN B 119 12.37 -4.03 2.02
CA ASN B 119 11.69 -4.05 3.31
C ASN B 119 10.51 -3.09 3.29
N TYR B 120 9.73 -3.12 4.36
CA TYR B 120 8.45 -2.44 4.41
C TYR B 120 8.19 -1.98 5.84
N THR B 121 7.23 -1.06 5.99
CA THR B 121 6.76 -0.61 7.29
C THR B 121 5.24 -0.48 7.26
N HIS B 122 4.62 -0.77 8.39
CA HIS B 122 3.21 -0.51 8.62
C HIS B 122 3.08 0.31 9.89
N ASP B 123 2.29 1.37 9.86
CA ASP B 123 2.16 2.25 11.00
C ASP B 123 0.73 2.77 11.12
N VAL B 124 0.34 3.10 12.34
CA VAL B 124 -1.04 3.43 12.67
C VAL B 124 -1.07 4.72 13.49
N PHE B 125 -1.97 5.62 13.11
CA PHE B 125 -2.22 6.85 13.84
C PHE B 125 -3.73 7.06 13.95
N MET B 126 -4.18 7.62 15.07
CA MET B 126 -5.59 7.90 15.24
C MET B 126 -5.76 9.14 16.10
N ASN B 127 -6.81 9.90 15.81
CA ASN B 127 -7.21 11.02 16.65
C ASN B 127 -8.74 11.04 16.67
N ASP B 128 -9.31 12.15 17.13
CA ASP B 128 -10.76 12.24 17.28
C ASP B 128 -11.48 12.28 15.94
N SER B 129 -10.83 12.72 14.88
CA SER B 129 -11.49 12.83 13.59
C SER B 129 -11.30 11.58 12.72
N LEU B 130 -10.14 10.95 12.78
CA LEU B 130 -9.82 9.93 11.80
C LEU B 130 -8.87 8.91 12.40
N PHE B 131 -8.74 7.78 11.70
CA PHE B 131 -7.66 6.85 11.90
C PHE B 131 -6.91 6.69 10.58
N CYS B 132 -5.61 6.47 10.68
CA CYS B 132 -4.74 6.45 9.52
C CYS B 132 -3.85 5.21 9.55
N VAL B 133 -3.59 4.65 8.38
CA VAL B 133 -2.63 3.58 8.22
C VAL B 133 -1.65 3.98 7.14
N VAL B 134 -0.36 3.85 7.43
CA VAL B 134 0.69 4.17 6.47
C VAL B 134 1.48 2.91 6.16
N ALA B 135 1.61 2.60 4.88
CA ALA B 135 2.45 1.50 4.42
C ALA B 135 3.53 2.08 3.53
N ALA B 136 4.79 1.74 3.83
CA ALA B 136 5.92 2.22 3.06
C ALA B 136 6.77 1.03 2.64
N PHE B 137 7.30 1.10 1.42
CA PHE B 137 8.06 0.01 0.84
C PHE B 137 9.35 0.53 0.24
N GLY B 138 10.42 -0.23 0.37
CA GLY B 138 11.68 0.12 -0.24
C GLY B 138 12.29 -1.00 -1.05
N CYS B 139 12.43 -0.79 -2.35
CA CYS B 139 12.97 -1.79 -3.25
C CYS B 139 14.36 -1.37 -3.71
N PHE B 140 15.31 -2.30 -3.63
CA PHE B 140 16.69 -2.00 -3.93
C PHE B 140 16.92 -1.81 -5.43
N TYR B 141 17.84 -0.90 -5.76
CA TYR B 141 18.37 -0.71 -7.11
C TYR B 141 17.31 -0.15 -8.03
#